data_6UNV
#
_entry.id   6UNV
#
_cell.length_a   91.000
_cell.length_b   91.000
_cell.length_c   116.000
_cell.angle_alpha   90.000
_cell.angle_beta   90.000
_cell.angle_gamma   90.000
#
_symmetry.space_group_name_H-M   'I 41 2 2'
#
_entity_poly.entity_id   1
_entity_poly.type   'polypeptide(L)'
_entity_poly.pdbx_seq_one_letter_code
;MGSSHHHHHHSSGLVPRGSHMASAPVELGRRDVSQDLFDQLNLFEQYSAAAYCSANNEASAGTAISCSAGNCPLVQQAGA
TILYSFNNIGSGDVTGFLALDSTNQLIVLSFRGSETLENWIADLEADLVDASAICSGCEAHDGFLSSWNSVASTLTSKIS
SAVNEHPSYKLVFTGHSLGAALATLGAVSLRESGYNIDLYNYGCPRVGNTALADFITTQSGGTNYRVTHSDDPVPKLPPR
SFGYSQPSPEYWITSGNNVTVQPSDIEVIEGVDSTAGNDGTPAGLDIDAHRWYFGPISACS
;
_entity_poly.pdbx_strand_id   A
#
# COMPACT_ATOMS: atom_id res chain seq x y z
N ARG A 31 1.91 -14.05 16.22
CA ARG A 31 1.69 -14.26 17.64
C ARG A 31 0.50 -13.44 18.15
N ASP A 32 0.49 -12.15 17.82
CA ASP A 32 -0.52 -11.22 18.27
C ASP A 32 -1.28 -10.69 17.06
N VAL A 33 -2.29 -11.44 16.63
CA VAL A 33 -3.13 -11.06 15.49
C VAL A 33 -4.44 -11.82 15.54
N SER A 34 -5.55 -11.12 15.34
CA SER A 34 -6.87 -11.72 15.42
C SER A 34 -7.34 -12.19 14.05
N GLN A 35 -8.46 -12.91 14.05
CA GLN A 35 -9.02 -13.42 12.80
C GLN A 35 -9.63 -12.31 11.96
N ASP A 36 -10.40 -11.42 12.58
CA ASP A 36 -11.02 -10.33 11.83
C ASP A 36 -9.99 -9.36 11.28
N LEU A 37 -8.93 -9.09 12.04
CA LEU A 37 -7.86 -8.22 11.52
C LEU A 37 -7.13 -8.90 10.38
N PHE A 38 -6.93 -10.21 10.46
CA PHE A 38 -6.36 -10.97 9.35
C PHE A 38 -7.23 -10.87 8.11
N ASP A 39 -8.56 -10.97 8.29
CA ASP A 39 -9.47 -10.83 7.17
C ASP A 39 -9.42 -9.42 6.59
N GLN A 40 -9.27 -8.41 7.43
CA GLN A 40 -9.11 -7.04 6.94
C GLN A 40 -7.84 -6.90 6.10
N LEU A 41 -6.74 -7.49 6.60
CA LEU A 41 -5.49 -7.46 5.84
C LEU A 41 -5.65 -8.14 4.49
N ASN A 42 -6.34 -9.29 4.45
CA ASN A 42 -6.57 -9.98 3.18
C ASN A 42 -7.45 -9.14 2.26
N LEU A 43 -8.47 -8.48 2.81
CA LEU A 43 -9.34 -7.63 2.02
C LEU A 43 -8.56 -6.50 1.36
N PHE A 44 -7.69 -5.85 2.12
CA PHE A 44 -6.96 -4.73 1.54
C PHE A 44 -5.83 -5.19 0.62
N GLU A 45 -5.26 -6.36 0.85
CA GLU A 45 -4.32 -6.90 -0.13
C GLU A 45 -5.04 -7.25 -1.43
N GLN A 46 -6.29 -7.72 -1.35
CA GLN A 46 -7.06 -7.99 -2.57
C GLN A 46 -7.47 -6.69 -3.25
N TYR A 47 -7.69 -5.62 -2.48
CA TYR A 47 -7.84 -4.31 -3.09
C TYR A 47 -6.59 -3.91 -3.87
N SER A 48 -5.42 -4.05 -3.25
CA SER A 48 -4.18 -3.72 -3.93
C SER A 48 -3.96 -4.60 -5.16
N ALA A 49 -4.41 -5.85 -5.11
CA ALA A 49 -4.32 -6.72 -6.28
C ALA A 49 -5.30 -6.28 -7.37
N ALA A 50 -6.49 -5.84 -6.97
CA ALA A 50 -7.46 -5.33 -7.94
C ALA A 50 -6.95 -4.06 -8.60
N ALA A 51 -6.06 -3.34 -7.93
CA ALA A 51 -5.40 -2.20 -8.57
C ALA A 51 -4.58 -2.62 -9.78
N TYR A 52 -4.19 -3.90 -9.87
CA TYR A 52 -3.43 -4.38 -11.02
C TYR A 52 -4.31 -4.70 -12.21
N CYS A 53 -5.56 -5.10 -11.97
CA CYS A 53 -6.46 -5.48 -13.06
C CYS A 53 -6.68 -4.30 -14.00
N SER A 54 -6.31 -4.49 -15.27
CA SER A 54 -6.51 -3.44 -16.27
C SER A 54 -7.98 -3.13 -16.50
N ALA A 55 -8.88 -4.06 -16.17
CA ALA A 55 -10.31 -3.77 -16.26
C ALA A 55 -10.74 -2.78 -15.18
N ASN A 56 -10.16 -2.90 -13.98
CA ASN A 56 -10.45 -1.96 -12.91
C ASN A 56 -9.76 -0.62 -13.08
N ASN A 57 -8.74 -0.55 -13.94
CA ASN A 57 -8.05 0.70 -14.22
C ASN A 57 -8.67 1.37 -15.44
N GLU A 58 -8.79 2.69 -15.37
CA GLU A 58 -9.41 3.51 -16.42
C GLU A 58 -10.81 3.03 -16.76
N ALA A 59 -11.51 2.46 -15.77
CA ALA A 59 -12.88 2.02 -15.95
C ALA A 59 -13.84 3.15 -15.68
N SER A 60 -14.97 3.13 -16.38
CA SER A 60 -15.98 4.16 -16.20
C SER A 60 -16.56 4.10 -14.78
N ALA A 61 -16.75 5.27 -14.18
CA ALA A 61 -17.27 5.34 -12.83
C ALA A 61 -18.67 4.74 -12.75
N GLY A 62 -18.89 3.93 -11.72
CA GLY A 62 -20.13 3.22 -11.54
C GLY A 62 -20.03 1.72 -11.76
N THR A 63 -18.97 1.28 -12.45
CA THR A 63 -18.78 -0.14 -12.69
C THR A 63 -18.22 -0.83 -11.45
N ALA A 64 -18.68 -2.05 -11.20
CA ALA A 64 -18.24 -2.80 -10.03
C ALA A 64 -16.81 -3.30 -10.23
N ILE A 65 -16.19 -3.73 -9.14
CA ILE A 65 -14.81 -4.21 -9.16
C ILE A 65 -14.81 -5.70 -9.50
N SER A 66 -14.04 -6.07 -10.52
CA SER A 66 -13.89 -7.45 -10.94
C SER A 66 -12.41 -7.78 -11.09
N CYS A 67 -12.04 -9.02 -10.76
CA CYS A 67 -10.66 -9.47 -10.84
C CYS A 67 -10.58 -10.70 -11.73
N SER A 68 -9.70 -10.64 -12.72
CA SER A 68 -9.42 -11.82 -13.54
C SER A 68 -8.69 -12.87 -12.70
N ALA A 69 -9.05 -14.13 -12.93
CA ALA A 69 -8.54 -15.26 -12.14
C ALA A 69 -8.81 -15.06 -10.65
N GLY A 70 -10.03 -14.62 -10.33
CA GLY A 70 -10.45 -14.41 -8.95
C GLY A 70 -9.38 -13.82 -8.06
N ASN A 71 -8.72 -12.76 -8.55
CA ASN A 71 -7.63 -12.17 -7.80
C ASN A 71 -8.11 -11.41 -6.57
N CYS A 72 -9.40 -11.08 -6.51
CA CYS A 72 -9.94 -10.37 -5.36
C CYS A 72 -11.40 -10.72 -5.11
N PRO A 73 -11.73 -12.00 -4.88
CA PRO A 73 -13.15 -12.36 -4.71
C PRO A 73 -13.75 -11.83 -3.42
N LEU A 74 -12.94 -11.43 -2.44
CA LEU A 74 -13.47 -10.93 -1.18
C LEU A 74 -14.03 -9.51 -1.31
N VAL A 75 -13.53 -8.73 -2.26
CA VAL A 75 -14.06 -7.39 -2.52
C VAL A 75 -14.99 -7.45 -3.73
N GLN A 76 -14.68 -8.34 -4.67
CA GLN A 76 -15.57 -8.55 -5.81
C GLN A 76 -16.95 -9.00 -5.36
N GLN A 77 -17.02 -9.75 -4.27
CA GLN A 77 -18.28 -10.16 -3.68
C GLN A 77 -18.72 -9.21 -2.56
N ALA A 78 -17.95 -8.17 -2.27
CA ALA A 78 -18.33 -7.16 -1.30
C ALA A 78 -19.09 -5.99 -1.91
N GLY A 79 -19.24 -5.96 -3.24
CA GLY A 79 -20.03 -4.92 -3.86
C GLY A 79 -19.35 -3.57 -3.98
N ALA A 80 -18.03 -3.55 -4.09
CA ALA A 80 -17.30 -2.30 -4.20
C ALA A 80 -17.47 -1.71 -5.59
N THR A 81 -17.92 -0.46 -5.65
CA THR A 81 -18.13 0.25 -6.90
C THR A 81 -16.97 1.20 -7.18
N ILE A 82 -16.54 1.25 -8.43
CA ILE A 82 -15.47 2.16 -8.83
C ILE A 82 -16.00 3.59 -8.83
N LEU A 83 -15.43 4.44 -7.98
CA LEU A 83 -15.76 5.86 -8.02
C LEU A 83 -14.90 6.59 -9.04
N TYR A 84 -13.62 6.21 -9.13
CA TYR A 84 -12.73 6.77 -10.14
C TYR A 84 -11.63 5.76 -10.41
N SER A 85 -11.19 5.69 -11.66
CA SER A 85 -10.11 4.80 -12.08
C SER A 85 -9.10 5.59 -12.87
N PHE A 86 -7.84 5.58 -12.42
CA PHE A 86 -6.79 6.36 -13.05
C PHE A 86 -5.70 5.43 -13.56
N ASN A 87 -5.14 5.78 -14.72
CA ASN A 87 -4.11 4.97 -15.37
C ASN A 87 -3.09 5.90 -16.02
N ASN A 88 -1.84 5.82 -15.57
CA ASN A 88 -0.74 6.60 -16.13
C ASN A 88 -0.97 8.10 -15.98
N ILE A 89 -0.67 8.66 -14.81
CA ILE A 89 -0.78 10.10 -14.57
C ILE A 89 0.46 10.55 -13.81
N GLY A 90 1.05 11.66 -14.25
CA GLY A 90 2.19 12.23 -13.55
C GLY A 90 3.54 11.85 -14.13
N GLY A 92 5.52 9.70 -12.80
CA GLY A 92 5.59 8.24 -12.83
C GLY A 92 4.30 7.60 -13.30
N ASP A 93 4.20 6.29 -13.11
CA ASP A 93 3.03 5.53 -13.56
C ASP A 93 2.08 5.37 -12.37
N VAL A 94 1.30 6.43 -12.14
CA VAL A 94 0.27 6.41 -11.10
C VAL A 94 -0.96 5.74 -11.67
N THR A 95 -1.27 4.54 -11.19
CA THR A 95 -2.41 3.78 -11.67
C THR A 95 -3.10 3.11 -10.49
N GLY A 96 -4.43 3.11 -10.52
CA GLY A 96 -5.20 2.52 -9.44
C GLY A 96 -6.64 2.98 -9.50
N PHE A 97 -7.32 2.86 -8.36
CA PHE A 97 -8.72 3.24 -8.32
C PHE A 97 -9.11 3.73 -6.93
N LEU A 98 -10.03 4.68 -6.92
CA LEU A 98 -10.76 5.08 -5.72
C LEU A 98 -12.15 4.45 -5.80
N ALA A 99 -12.47 3.62 -4.80
CA ALA A 99 -13.70 2.85 -4.80
C ALA A 99 -14.42 3.00 -3.47
N LEU A 100 -15.73 2.75 -3.50
CA LEU A 100 -16.58 2.78 -2.32
C LEU A 100 -16.97 1.35 -1.95
N ASP A 101 -17.10 1.09 -0.65
CA ASP A 101 -17.45 -0.24 -0.17
C ASP A 101 -18.49 -0.07 0.94
N SER A 102 -19.76 -0.20 0.57
CA SER A 102 -20.84 -0.04 1.53
C SER A 102 -21.13 -1.31 2.32
N THR A 103 -20.59 -2.45 1.90
CA THR A 103 -20.72 -3.66 2.71
C THR A 103 -19.83 -3.57 3.96
N ASN A 104 -18.65 -2.96 3.82
CA ASN A 104 -17.76 -2.71 4.93
C ASN A 104 -17.70 -1.24 5.31
N GLN A 105 -18.35 -0.37 4.54
CA GLN A 105 -18.49 1.07 4.85
C GLN A 105 -17.11 1.74 4.95
N LEU A 106 -16.48 1.88 3.77
CA LEU A 106 -15.19 2.57 3.71
C LEU A 106 -14.87 2.92 2.26
N ILE A 107 -14.07 3.98 2.11
CA ILE A 107 -13.62 4.47 0.82
C ILE A 107 -12.14 4.12 0.68
N VAL A 108 -11.81 3.34 -0.33
CA VAL A 108 -10.46 2.82 -0.53
C VAL A 108 -9.83 3.48 -1.75
N LEU A 109 -8.66 4.07 -1.56
CA LEU A 109 -7.82 4.52 -2.67
C LEU A 109 -6.66 3.55 -2.78
N SER A 110 -6.69 2.68 -3.78
CA SER A 110 -5.65 1.67 -3.98
C SER A 110 -4.80 2.05 -5.19
N PHE A 111 -3.49 2.06 -4.99
CA PHE A 111 -2.52 2.31 -6.04
C PHE A 111 -1.93 1.00 -6.54
N ARG A 112 -1.61 0.96 -7.83
CA ARG A 112 -0.98 -0.19 -8.44
C ARG A 112 0.53 -0.02 -8.43
N GLY A 113 1.24 -1.14 -8.41
CA GLY A 113 2.69 -1.11 -8.52
C GLY A 113 3.17 -0.75 -9.90
N SER A 114 4.15 -1.49 -10.42
CA SER A 114 4.70 -1.25 -11.74
C SER A 114 4.39 -2.42 -12.66
N GLU A 115 3.96 -2.11 -13.88
CA GLU A 115 3.73 -3.16 -14.87
C GLU A 115 5.03 -3.92 -15.15
N THR A 116 6.15 -3.21 -15.23
CA THR A 116 7.47 -3.79 -15.38
C THR A 116 8.20 -3.64 -14.05
N LEU A 117 7.88 -4.54 -13.10
CA LEU A 117 8.43 -4.43 -11.76
C LEU A 117 9.93 -4.71 -11.73
N GLU A 118 10.41 -5.60 -12.62
CA GLU A 118 11.83 -5.94 -12.61
C GLU A 118 12.69 -4.83 -13.21
N ASN A 119 12.11 -4.02 -14.09
CA ASN A 119 12.77 -2.79 -14.53
C ASN A 119 12.63 -1.67 -13.51
N TRP A 120 11.61 -1.75 -12.64
CA TRP A 120 11.37 -0.72 -11.64
C TRP A 120 12.26 -0.87 -10.41
N ILE A 121 12.56 -2.12 -10.01
CA ILE A 121 13.43 -2.34 -8.87
C ILE A 121 14.89 -2.05 -9.17
N ALA A 122 15.25 -1.91 -10.44
CA ALA A 122 16.65 -1.65 -10.80
C ALA A 122 17.05 -0.24 -10.42
N ASP A 123 16.32 0.76 -10.92
CA ASP A 123 16.61 2.16 -10.61
C ASP A 123 15.86 2.59 -9.34
N LEU A 124 16.14 1.87 -8.26
CA LEU A 124 15.49 2.14 -6.98
C LEU A 124 16.51 2.15 -5.85
N ALA A 126 18.52 5.45 -6.36
CA ALA A 126 18.18 5.77 -4.97
C ALA A 126 18.45 7.24 -4.66
N ASP A 127 17.57 8.12 -5.16
CA ASP A 127 17.69 9.54 -4.95
C ASP A 127 16.81 10.00 -3.80
N LEU A 128 17.20 11.10 -3.18
CA LEU A 128 16.45 11.69 -2.07
C LEU A 128 16.17 13.15 -2.37
N VAL A 129 14.96 13.58 -2.02
CA VAL A 129 14.52 14.96 -2.21
C VAL A 129 14.22 15.57 -0.85
N ASP A 130 14.00 16.89 -0.85
CA ASP A 130 13.66 17.62 0.37
C ASP A 130 12.14 17.67 0.50
N ALA A 131 11.60 16.86 1.41
CA ALA A 131 10.16 16.83 1.64
C ALA A 131 9.83 17.34 3.04
N SER A 132 10.21 18.59 3.33
CA SER A 132 9.95 19.18 4.63
C SER A 132 8.51 19.68 4.77
N ALA A 133 7.67 19.50 3.75
CA ALA A 133 6.27 19.91 3.86
C ALA A 133 5.54 19.11 4.92
N ILE A 134 5.94 17.85 5.13
CA ILE A 134 5.39 17.06 6.22
C ILE A 134 6.21 17.22 7.50
N CYS A 135 7.53 17.33 7.36
CA CYS A 135 8.44 17.47 8.50
C CYS A 135 8.15 18.73 9.31
N CYS A 138 11.99 13.07 7.76
CA CYS A 138 11.85 14.50 7.57
C CYS A 138 11.87 14.85 6.09
N GLU A 139 12.56 14.02 5.29
CA GLU A 139 12.58 14.17 3.85
C GLU A 139 12.45 12.80 3.20
N ALA A 140 11.79 12.76 2.05
CA ALA A 140 11.39 11.51 1.42
C ALA A 140 12.17 11.29 0.12
N HIS A 141 11.78 10.25 -0.61
CA HIS A 141 12.44 9.86 -1.85
C HIS A 141 12.16 10.87 -2.97
N GLY A 143 11.04 10.14 -6.72
CA GLY A 143 10.07 9.60 -7.65
C GLY A 143 8.71 9.36 -7.02
N PHE A 144 8.72 8.75 -5.83
CA PHE A 144 7.48 8.48 -5.12
C PHE A 144 6.72 9.78 -4.85
N LEU A 145 7.34 10.68 -4.08
CA LEU A 145 6.70 11.96 -3.77
C LEU A 145 6.49 12.79 -5.03
N SER A 146 7.33 12.60 -6.05
CA SER A 146 7.13 13.28 -7.32
C SER A 146 5.77 12.92 -7.93
N SER A 147 5.56 11.63 -8.17
CA SER A 147 4.28 11.18 -8.73
C SER A 147 3.12 11.55 -7.82
N TRP A 148 3.31 11.43 -6.50
CA TRP A 148 2.26 11.79 -5.58
C TRP A 148 1.87 13.25 -5.76
N ASN A 149 2.76 14.18 -5.42
CA ASN A 149 2.45 15.60 -5.57
C ASN A 149 2.05 15.97 -6.99
N SER A 150 2.33 15.13 -7.98
CA SER A 150 1.79 15.35 -9.31
C SER A 150 0.29 15.08 -9.35
N VAL A 151 -0.15 13.96 -8.77
CA VAL A 151 -1.57 13.61 -8.78
C VAL A 151 -2.32 14.15 -7.56
N ALA A 152 -1.64 14.88 -6.67
CA ALA A 152 -2.13 15.11 -5.32
C ALA A 152 -3.38 15.99 -5.30
N SER A 153 -3.34 17.13 -5.99
CA SER A 153 -4.47 18.06 -5.92
C SER A 153 -5.74 17.42 -6.44
N THR A 154 -5.67 16.77 -7.61
CA THR A 154 -6.86 16.16 -8.19
C THR A 154 -7.36 15.02 -7.32
N LEU A 155 -6.47 14.13 -6.88
CA LEU A 155 -6.91 13.00 -6.07
C LEU A 155 -7.44 13.47 -4.71
N THR A 156 -6.91 14.55 -4.17
CA THR A 156 -7.41 15.07 -2.90
C THR A 156 -8.78 15.70 -3.09
N SER A 157 -9.00 16.39 -4.21
CA SER A 157 -10.34 16.91 -4.50
C SER A 157 -11.35 15.77 -4.61
N LYS A 158 -10.98 14.69 -5.32
CA LYS A 158 -11.90 13.56 -5.44
C LYS A 158 -12.12 12.86 -4.11
N ILE A 159 -11.08 12.75 -3.28
CA ILE A 159 -11.23 12.16 -1.96
C ILE A 159 -12.15 13.02 -1.09
N SER A 160 -12.01 14.34 -1.17
CA SER A 160 -12.87 15.23 -0.40
C SER A 160 -14.32 15.08 -0.83
N SER A 161 -14.57 15.00 -2.13
CA SER A 161 -15.93 14.76 -2.61
C SER A 161 -16.47 13.44 -2.09
N ALA A 162 -15.66 12.38 -2.16
CA ALA A 162 -16.12 11.06 -1.73
C ALA A 162 -16.40 11.02 -0.24
N VAL A 163 -15.59 11.69 0.58
CA VAL A 163 -15.81 11.67 2.01
C VAL A 163 -16.94 12.62 2.43
N ASN A 164 -17.22 13.65 1.64
CA ASN A 164 -18.43 14.43 1.86
C ASN A 164 -19.68 13.66 1.46
N GLU A 165 -19.54 12.71 0.54
CA GLU A 165 -20.65 11.82 0.23
C GLU A 165 -21.01 10.96 1.44
N HIS A 166 -20.04 10.20 1.95
CA HIS A 166 -20.25 9.30 3.09
C HIS A 166 -19.32 9.70 4.22
N PRO A 167 -19.73 10.64 5.06
CA PRO A 167 -18.89 11.03 6.20
C PRO A 167 -18.77 9.97 7.28
N SER A 168 -19.61 8.93 7.24
CA SER A 168 -19.57 7.85 8.21
C SER A 168 -18.72 6.67 7.75
N TYR A 169 -18.02 6.80 6.63
CA TYR A 169 -17.18 5.73 6.11
C TYR A 169 -15.72 6.01 6.41
N LYS A 170 -14.96 4.92 6.62
CA LYS A 170 -13.55 5.03 6.94
C LYS A 170 -12.72 5.23 5.68
N LEU A 171 -11.78 6.17 5.74
CA LEU A 171 -10.89 6.44 4.61
C LEU A 171 -9.66 5.55 4.71
N VAL A 172 -9.39 4.78 3.66
CA VAL A 172 -8.27 3.85 3.63
C VAL A 172 -7.47 4.09 2.35
N PHE A 173 -6.15 4.17 2.49
CA PHE A 173 -5.23 4.19 1.35
C PHE A 173 -4.42 2.92 1.37
N THR A 174 -4.26 2.29 0.20
CA THR A 174 -3.56 1.01 0.14
C THR A 174 -2.88 0.86 -1.21
N GLY A 175 -2.05 -0.17 -1.31
CA GLY A 175 -1.31 -0.42 -2.54
C GLY A 175 -0.31 -1.54 -2.33
N HIS A 176 0.38 -1.87 -3.42
CA HIS A 176 1.39 -2.90 -3.42
C HIS A 176 2.61 -2.44 -4.21
N SER A 177 3.79 -2.73 -3.69
CA SER A 177 5.08 -2.41 -4.33
C SER A 177 5.11 -0.90 -4.55
N LEU A 178 5.36 -0.41 -5.77
CA LEU A 178 5.42 1.02 -6.03
C LEU A 178 4.18 1.72 -5.53
N GLY A 179 3.00 1.23 -5.92
CA GLY A 179 1.76 1.81 -5.44
C GLY A 179 1.68 1.88 -3.93
N ALA A 180 2.20 0.85 -3.26
CA ALA A 180 2.26 0.85 -1.79
C ALA A 180 2.92 2.12 -1.29
N ALA A 181 4.09 2.46 -1.85
CA ALA A 181 4.74 3.71 -1.50
C ALA A 181 3.81 4.89 -1.77
N LEU A 182 3.23 4.93 -2.98
CA LEU A 182 2.29 5.98 -3.33
C LEU A 182 1.14 6.05 -2.34
N ALA A 183 0.80 4.92 -1.70
CA ALA A 183 -0.22 4.95 -0.67
C ALA A 183 0.31 5.62 0.60
N THR A 184 1.48 5.18 1.08
CA THR A 184 1.98 5.65 2.36
C THR A 184 2.16 7.16 2.37
N LEU A 185 3.01 7.68 1.47
CA LEU A 185 3.10 9.13 1.29
C LEU A 185 1.72 9.72 1.03
N GLY A 186 0.91 9.05 0.19
CA GLY A 186 -0.41 9.55 -0.12
C GLY A 186 -1.25 9.78 1.11
N ALA A 187 -0.99 9.04 2.19
CA ALA A 187 -1.68 9.30 3.45
C ALA A 187 -0.98 10.40 4.25
N VAL A 188 0.35 10.35 4.33
CA VAL A 188 1.08 11.26 5.21
C VAL A 188 0.94 12.71 4.75
N SER A 189 0.52 12.93 3.50
CA SER A 189 0.32 14.27 2.99
C SER A 189 -1.13 14.73 3.08
N LEU A 190 -2.07 13.84 3.41
CA LEU A 190 -3.46 14.21 3.57
C LEU A 190 -3.89 14.28 5.03
N ARG A 191 -3.08 13.80 5.96
CA ARG A 191 -3.39 13.94 7.37
C ARG A 191 -3.06 15.32 7.92
N GLU A 192 -2.45 16.19 7.10
CA GLU A 192 -2.28 17.58 7.51
C GLU A 192 -3.64 18.23 7.77
N SER A 193 -4.64 17.92 6.94
CA SER A 193 -6.00 18.33 7.21
C SER A 193 -6.66 17.33 8.16
N GLY A 194 -7.92 17.60 8.50
CA GLY A 194 -8.63 16.73 9.42
C GLY A 194 -9.08 15.42 8.81
N TYR A 195 -8.15 14.69 8.21
CA TYR A 195 -8.45 13.42 7.55
C TYR A 195 -8.02 12.25 8.43
N ASN A 196 -8.96 11.34 8.69
CA ASN A 196 -8.68 10.11 9.42
C ASN A 196 -8.50 9.00 8.40
N ILE A 197 -7.24 8.59 8.20
CA ILE A 197 -6.87 7.65 7.15
C ILE A 197 -6.18 6.45 7.77
N ASP A 198 -6.62 5.25 7.40
CA ASP A 198 -5.93 4.02 7.75
C ASP A 198 -5.14 3.54 6.54
N LEU A 199 -3.94 3.02 6.79
CA LEU A 199 -2.99 2.66 5.75
C LEU A 199 -2.74 1.15 5.76
N TYR A 200 -2.69 0.56 4.57
CA TYR A 200 -2.47 -0.89 4.40
C TYR A 200 -1.54 -1.08 3.21
N ASN A 201 -0.24 -1.11 3.45
CA ASN A 201 0.73 -1.32 2.39
C ASN A 201 1.24 -2.75 2.41
N TYR A 202 1.55 -3.28 1.23
CA TYR A 202 2.02 -4.65 1.07
C TYR A 202 3.27 -4.64 0.19
N GLY A 203 4.39 -5.04 0.77
CA GLY A 203 5.63 -5.05 0.01
C GLY A 203 6.08 -3.65 -0.33
N CYS A 204 5.94 -2.72 0.61
CA CYS A 204 6.28 -1.33 0.37
C CYS A 204 7.78 -1.11 0.53
N PRO A 205 8.38 -0.39 -0.40
CA PRO A 205 9.79 0.01 -0.26
C PRO A 205 9.93 1.12 0.78
N ARG A 206 11.17 1.59 0.95
CA ARG A 206 11.49 2.69 1.84
C ARG A 206 11.30 4.02 1.12
N VAL A 207 10.74 5.00 1.83
CA VAL A 207 10.34 6.27 1.24
C VAL A 207 11.21 7.43 1.72
N GLY A 208 11.61 7.42 2.99
CA GLY A 208 12.33 8.55 3.54
C GLY A 208 13.35 8.22 4.61
N ASN A 209 13.73 9.23 5.38
CA ASN A 209 14.76 9.10 6.41
C ASN A 209 14.17 8.44 7.66
N THR A 210 14.97 8.43 8.74
CA THR A 210 14.48 7.87 10.00
C THR A 210 13.46 8.79 10.65
N ALA A 211 13.61 10.10 10.49
CA ALA A 211 12.64 11.04 11.05
C ALA A 211 11.27 10.84 10.42
N LEU A 212 11.23 10.56 9.11
CA LEU A 212 9.96 10.29 8.45
C LEU A 212 9.34 9.00 8.96
N ALA A 213 10.16 7.98 9.24
CA ALA A 213 9.66 6.75 9.82
C ALA A 213 9.06 7.01 11.20
N ASP A 214 9.74 7.81 12.03
CA ASP A 214 9.20 8.14 13.34
C ASP A 214 7.90 8.93 13.22
N PHE A 215 7.83 9.83 12.25
CA PHE A 215 6.60 10.61 12.05
C PHE A 215 5.45 9.73 11.62
N ILE A 216 5.71 8.78 10.71
CA ILE A 216 4.65 7.86 10.28
C ILE A 216 4.24 6.96 11.44
N THR A 217 5.19 6.58 12.30
CA THR A 217 4.87 5.73 13.43
C THR A 217 4.00 6.45 14.45
N THR A 218 4.33 7.72 14.73
CA THR A 218 3.61 8.52 15.73
C THR A 218 2.74 9.54 14.99
N GLN A 219 1.49 9.16 14.72
CA GLN A 219 0.56 10.05 14.05
C GLN A 219 -0.85 9.71 14.49
N SER A 220 -1.59 10.71 14.99
CA SER A 220 -2.92 10.52 15.54
C SER A 220 -4.02 10.70 14.50
N GLY A 221 -3.73 10.45 13.22
CA GLY A 221 -4.74 10.56 12.19
C GLY A 221 -5.06 9.23 11.54
N GLY A 222 -5.21 8.19 12.34
CA GLY A 222 -5.47 6.85 11.85
C GLY A 222 -4.32 5.90 12.12
N THR A 223 -4.62 4.61 11.99
CA THR A 223 -3.63 3.57 12.23
C THR A 223 -2.92 3.17 10.94
N ASN A 224 -1.76 2.54 11.09
CA ASN A 224 -0.92 2.17 9.95
C ASN A 224 -0.61 0.68 10.00
N TYR A 225 -0.84 0.00 8.88
CA TYR A 225 -0.59 -1.43 8.75
C TYR A 225 0.43 -1.63 7.64
N ARG A 226 1.69 -1.90 8.02
CA ARG A 226 2.75 -2.22 7.07
C ARG A 226 2.94 -3.73 7.06
N VAL A 227 2.80 -4.33 5.88
CA VAL A 227 2.84 -5.78 5.72
C VAL A 227 4.06 -6.16 4.90
N THR A 228 4.82 -7.13 5.39
CA THR A 228 5.98 -7.68 4.70
C THR A 228 5.83 -9.19 4.60
N HIS A 229 6.64 -9.81 3.74
CA HIS A 229 6.53 -11.24 3.49
C HIS A 229 7.89 -11.83 3.15
N SER A 230 8.42 -12.65 4.05
CA SER A 230 9.59 -13.49 3.80
C SER A 230 10.77 -12.71 3.26
N ASP A 231 11.47 -13.29 2.27
CA ASP A 231 12.66 -12.70 1.68
C ASP A 231 12.26 -11.70 0.59
N ASP A 232 11.44 -10.73 0.99
CA ASP A 232 11.01 -9.68 0.07
C ASP A 232 12.10 -8.61 -0.01
N PRO A 233 12.75 -8.43 -1.17
CA PRO A 233 13.80 -7.42 -1.28
C PRO A 233 13.29 -6.01 -1.50
N VAL A 234 11.98 -5.82 -1.64
CA VAL A 234 11.42 -4.49 -1.90
C VAL A 234 11.39 -3.67 -0.61
N PRO A 235 10.94 -4.20 0.54
CA PRO A 235 11.11 -3.43 1.79
C PRO A 235 12.56 -3.22 2.17
N LYS A 236 13.48 -4.03 1.65
CA LYS A 236 14.90 -3.84 1.92
C LYS A 236 15.52 -2.71 1.08
N LEU A 237 14.90 -2.37 -0.05
CA LEU A 237 15.45 -1.34 -0.92
C LEU A 237 14.56 -0.12 -0.96
N PRO A 238 15.12 1.10 -1.04
CA PRO A 238 16.56 1.43 -1.05
C PRO A 238 17.26 1.09 0.27
N PRO A 239 18.55 0.78 0.21
CA PRO A 239 19.27 0.31 1.40
C PRO A 239 19.23 1.33 2.53
N ARG A 240 19.17 0.82 3.76
CA ARG A 240 19.16 1.68 4.94
C ARG A 240 20.48 2.41 5.12
N SER A 241 21.57 1.88 4.56
CA SER A 241 22.86 2.54 4.64
C SER A 241 22.80 3.93 4.00
N PHE A 242 22.03 4.07 2.91
CA PHE A 242 21.94 5.31 2.16
C PHE A 242 21.02 6.34 2.81
N GLY A 243 20.60 6.12 4.05
CA GLY A 243 19.77 7.06 4.77
C GLY A 243 18.31 6.69 4.88
N TYR A 244 17.87 5.66 4.15
CA TYR A 244 16.47 5.27 4.17
C TYR A 244 16.13 4.50 5.44
N SER A 245 14.85 4.56 5.82
CA SER A 245 14.36 3.87 7.00
C SER A 245 12.86 3.68 6.86
N GLN A 246 12.37 2.56 7.41
CA GLN A 246 10.97 2.21 7.29
C GLN A 246 10.29 2.24 8.66
N PRO A 247 9.05 2.73 8.74
CA PRO A 247 8.38 2.85 10.04
C PRO A 247 7.87 1.51 10.55
N SER A 248 7.19 1.56 11.70
CA SER A 248 6.64 0.41 12.39
C SER A 248 5.21 0.75 12.81
N PRO A 249 4.39 -0.26 13.15
CA PRO A 249 4.63 -1.71 13.25
C PRO A 249 4.80 -2.43 11.92
N GLU A 250 5.52 -3.54 11.94
CA GLU A 250 5.78 -4.36 10.75
C GLU A 250 5.04 -5.67 10.91
N TYR A 251 4.05 -5.91 10.04
CA TYR A 251 3.28 -7.15 10.05
C TYR A 251 3.95 -8.10 9.07
N TRP A 252 4.78 -9.01 9.58
CA TRP A 252 5.59 -9.88 8.76
C TRP A 252 5.03 -11.30 8.81
N ILE A 253 4.69 -11.85 7.66
CA ILE A 253 4.18 -13.21 7.57
C ILE A 253 5.36 -14.15 7.33
N THR A 254 5.33 -15.30 8.00
CA THR A 254 6.40 -16.28 7.90
C THR A 254 6.16 -17.31 6.80
N SER A 255 4.99 -17.30 6.17
CA SER A 255 4.70 -18.25 5.10
C SER A 255 5.58 -17.99 3.89
N GLY A 256 5.86 -19.06 3.15
CA GLY A 256 6.71 -18.97 1.98
C GLY A 256 5.97 -18.45 0.77
N ASN A 257 6.41 -18.89 -0.40
CA ASN A 257 5.85 -18.45 -1.68
C ASN A 257 4.84 -19.46 -2.20
N ASN A 258 3.73 -18.97 -2.71
CA ASN A 258 2.67 -19.80 -3.30
C ASN A 258 2.13 -20.80 -2.29
N VAL A 259 1.88 -20.34 -1.07
CA VAL A 259 1.35 -21.19 0.00
C VAL A 259 0.29 -20.42 0.76
N THR A 260 -0.83 -21.08 1.06
CA THR A 260 -1.89 -20.46 1.83
C THR A 260 -1.40 -20.08 3.22
N VAL A 261 -1.78 -18.89 3.67
CA VAL A 261 -1.26 -18.32 4.91
C VAL A 261 -2.34 -18.40 5.99
N GLN A 262 -1.89 -18.46 7.23
CA GLN A 262 -2.74 -18.48 8.41
C GLN A 262 -2.32 -17.38 9.35
N PRO A 263 -3.21 -16.90 10.23
CA PRO A 263 -2.82 -15.86 11.19
C PRO A 263 -1.68 -16.27 12.11
N SER A 264 -1.48 -17.57 12.32
CA SER A 264 -0.37 -18.02 13.17
C SER A 264 0.99 -17.68 12.56
N ASP A 265 1.04 -17.46 11.25
CA ASP A 265 2.29 -17.14 10.56
C ASP A 265 2.61 -15.66 10.54
N ILE A 266 1.73 -14.81 11.10
CA ILE A 266 1.92 -13.37 11.09
C ILE A 266 2.45 -12.93 12.44
N GLU A 267 3.56 -12.20 12.43
CA GLU A 267 4.17 -11.65 13.63
C GLU A 267 4.23 -10.13 13.52
N VAL A 268 3.95 -9.45 14.62
CA VAL A 268 4.03 -7.99 14.69
C VAL A 268 5.40 -7.60 15.24
N ILE A 269 6.02 -6.62 14.60
CA ILE A 269 7.33 -6.11 15.01
C ILE A 269 7.17 -4.65 15.39
N GLU A 270 7.62 -4.31 16.60
CA GLU A 270 7.34 -3.01 17.20
C GLU A 270 8.46 -2.00 17.00
N GLY A 271 9.72 -2.43 16.98
CA GLY A 271 10.83 -1.49 16.89
C GLY A 271 10.86 -0.83 15.53
N VAL A 272 10.91 0.51 15.52
CA VAL A 272 11.09 1.25 14.28
C VAL A 272 12.45 0.91 13.69
N ASP A 273 12.46 0.55 12.41
CA ASP A 273 13.68 0.18 11.70
C ASP A 273 14.38 -0.98 12.43
N SER A 274 13.62 -2.07 12.58
CA SER A 274 14.06 -3.25 13.29
C SER A 274 14.69 -4.25 12.33
N THR A 275 15.79 -4.86 12.77
CA THR A 275 16.45 -5.92 12.02
C THR A 275 15.79 -7.28 12.21
N ALA A 276 14.47 -7.32 12.38
CA ALA A 276 13.73 -8.56 12.55
C ALA A 276 12.67 -8.67 11.45
N GLY A 277 12.22 -9.89 11.22
CA GLY A 277 11.24 -10.15 10.19
C GLY A 277 11.82 -10.07 8.79
N ASN A 278 11.23 -9.22 7.95
CA ASN A 278 11.71 -9.09 6.57
C ASN A 278 13.11 -8.48 6.54
N ASP A 279 13.29 -7.34 7.20
CA ASP A 279 14.59 -6.69 7.22
C ASP A 279 15.66 -7.57 7.86
N GLY A 280 15.24 -8.52 8.71
CA GLY A 280 16.19 -9.47 9.28
C GLY A 280 16.58 -10.60 8.35
N THR A 281 15.77 -10.88 7.33
CA THR A 281 16.12 -11.91 6.37
C THR A 281 17.38 -11.51 5.60
N PRO A 282 18.21 -12.47 5.21
CA PRO A 282 19.46 -12.13 4.51
C PRO A 282 19.19 -11.48 3.17
N ALA A 283 20.27 -10.96 2.58
CA ALA A 283 20.18 -10.35 1.27
C ALA A 283 19.76 -11.38 0.22
N GLY A 284 19.31 -10.88 -0.91
CA GLY A 284 18.86 -11.74 -1.99
C GLY A 284 17.80 -11.04 -2.82
N LEU A 285 17.25 -11.79 -3.78
CA LEU A 285 16.25 -11.28 -4.70
C LEU A 285 15.15 -12.32 -4.89
N ASP A 286 14.45 -12.66 -3.81
CA ASP A 286 13.30 -13.56 -3.89
C ASP A 286 12.11 -12.74 -4.37
N ILE A 287 12.05 -12.54 -5.68
CA ILE A 287 10.95 -11.80 -6.28
C ILE A 287 9.63 -12.57 -6.13
N ASP A 288 9.69 -13.90 -6.20
CA ASP A 288 8.49 -14.70 -5.99
C ASP A 288 7.93 -14.51 -4.58
N ALA A 289 8.79 -14.15 -3.62
CA ALA A 289 8.30 -13.78 -2.29
C ALA A 289 7.60 -12.42 -2.31
N HIS A 290 8.02 -11.54 -3.22
CA HIS A 290 7.33 -10.27 -3.41
C HIS A 290 6.07 -10.43 -4.24
N ARG A 291 6.00 -11.47 -5.08
CA ARG A 291 4.79 -11.75 -5.84
C ARG A 291 3.67 -12.25 -4.93
N TRP A 292 4.01 -12.87 -3.80
CA TRP A 292 3.05 -13.56 -2.95
C TRP A 292 2.77 -12.71 -1.71
N TYR A 293 1.54 -12.22 -1.62
CA TYR A 293 1.03 -11.55 -0.41
C TYR A 293 -0.42 -12.00 -0.27
N PHE A 294 -0.65 -13.02 0.58
CA PHE A 294 -1.95 -13.66 0.73
C PHE A 294 -2.50 -14.15 -0.61
N GLY A 295 -1.63 -14.44 -1.57
CA GLY A 295 -2.04 -14.76 -2.91
C GLY A 295 -1.31 -13.89 -3.93
N PRO A 296 -1.39 -14.28 -5.21
CA PRO A 296 -0.66 -13.52 -6.25
C PRO A 296 -1.21 -12.12 -6.43
N ILE A 297 -0.63 -11.15 -5.71
CA ILE A 297 -1.16 -9.80 -5.72
C ILE A 297 -0.88 -9.08 -7.03
N SER A 298 0.11 -9.53 -7.80
CA SER A 298 0.49 -8.91 -9.08
C SER A 298 0.39 -9.97 -10.17
N ALA A 299 -0.84 -10.23 -10.63
CA ALA A 299 -1.03 -11.19 -11.70
C ALA A 299 -2.31 -10.94 -12.50
N CYS A 300 -2.81 -9.70 -12.51
CA CYS A 300 -4.07 -9.39 -13.18
C CYS A 300 -3.92 -8.38 -14.31
N SER A 301 -2.78 -7.70 -14.42
CA SER A 301 -2.58 -6.68 -15.44
C SER A 301 -2.72 -7.23 -16.86
#